data_4LVZ
#
_entry.id   4LVZ
#
_cell.length_a   26.820
_cell.length_b   68.510
_cell.length_c   157.890
_cell.angle_alpha   90.00
_cell.angle_beta   90.00
_cell.angle_gamma   90.00
#
_symmetry.space_group_name_H-M   'P 21 21 21'
#
loop_
_entity.id
_entity.type
_entity.pdbx_description
1 polymer 'THF riboswitch'
2 non-polymer 9H-PURINE-2,6-DIAMINE
3 water water
#
_entity_poly.entity_id   1
_entity_poly.type   'polyribonucleotide'
_entity_poly.pdbx_seq_one_letter_code
;GGAGAGUAGAUGAUUCGCGUUAAGUGUGUGUGAAUGGGAUGUCGUCACACAACGAAGCGAGAGCGCGGUGAAUCAUUGCA
UCCGCUCCA
;
_entity_poly.pdbx_strand_id   A
#
loop_
_chem_comp.id
_chem_comp.type
_chem_comp.name
_chem_comp.formula
6AP non-polymer 9H-PURINE-2,6-DIAMINE 'C5 H6 N6'
A RNA linking ADENOSINE-5'-MONOPHOSPHATE 'C10 H14 N5 O7 P'
C RNA linking CYTIDINE-5'-MONOPHOSPHATE 'C9 H14 N3 O8 P'
G RNA linking GUANOSINE-5'-MONOPHOSPHATE 'C10 H14 N5 O8 P'
U RNA linking URIDINE-5'-MONOPHOSPHATE 'C9 H13 N2 O9 P'
#
# COMPACT_ATOMS: atom_id res chain seq x y z
N9 6AP B . -1.98 0.61 1.06
C8 6AP B . -1.58 0.21 2.28
N7 6AP B . -0.33 -0.29 2.17
C5 6AP B . 0.08 -0.20 0.85
C4 6AP B . -0.97 0.36 0.16
N3 6AP B . -0.83 0.58 -1.20
C2 6AP B . 0.29 0.24 -1.85
N2 6AP B . 0.35 0.49 -3.26
N1 6AP B . 1.33 -0.32 -1.19
C6 6AP B . 1.26 -0.55 0.14
N6 6AP B . 2.38 -1.12 0.83
#